data_6CDZ
#
_entry.id   6CDZ
#
_cell.length_a   67.658
_cell.length_b   80.451
_cell.length_c   94.080
_cell.angle_alpha   90.00
_cell.angle_beta   103.50
_cell.angle_gamma   90.00
#
_symmetry.space_group_name_H-M   'C 1 2 1'
#
loop_
_entity.id
_entity.type
_entity.pdbx_description
1 polymer 'Thymidylate synthase'
2 non-polymer '10-PROPARGYL-5,8-DIDEAZAFOLIC ACID'
3 non-polymer "2'-DEOXYURIDINE 5'-MONOPHOSPHATE"
4 non-polymer "2'-deoxy-5'-uridylic acid"
5 water water
#
_entity_poly.entity_id   1
_entity_poly.type   'polypeptide(L)'
_entity_poly.pdbx_seq_one_letter_code
;(CXM)KQYLELMQKVLDEGTQKNDRTGTGTLSIFGHQMRFNLQDGFPLVTTKRCHLRSIIHELLWFLQGDTNIAYLHENN
VTIWDEWADENGDLGPVYGKQWRAWPTPDGRHIDQITTVLNQLKNDPDSRRIIVSAWNVGELDKMALAPCHAFFQFYVAD
GKLSCQLYQRSCDVFLGLPFNIASYALLVHMMAQQCDLEVGDFVWTGGDTHLYSNHMDQTHLQLSREPRPLPKLIIKRKP
ESIFDYRFEDFEIEGYDPHPGIKAPVA
;
_entity_poly.pdbx_strand_id   A,B
#
loop_
_chem_comp.id
_chem_comp.type
_chem_comp.name
_chem_comp.formula
CB3 non-polymer '10-PROPARGYL-5,8-DIDEAZAFOLIC ACID' 'C24 H23 N5 O6'
UMC non-polymer '2'-deoxy-5'-uridylic acid' 'C9 H15 N2 O8 P'
UMP non-polymer '2'-DEOXYURIDINE 5'-MONOPHOSPHATE' 'C9 H13 N2 O8 P'
#
# COMPACT_ATOMS: atom_id res chain seq x y z
N CXM A 1 -6.15 3.83 21.92
CA CXM A 1 -7.06 2.72 21.68
CB CXM A 1 -7.83 2.94 20.36
CG CXM A 1 -7.01 3.57 19.25
SD CXM A 1 -8.03 4.52 18.07
CE CXM A 1 -8.59 5.80 19.16
C CXM A 1 -6.34 1.37 21.66
O CXM A 1 -5.12 1.31 21.60
CN CXM A 1 -6.48 4.78 22.80
ON1 CXM A 1 -5.58 5.47 23.33
ON2 CXM A 1 -7.66 5.11 22.93
H CXM A 1 -5.33 3.59 22.07
HA CXM A 1 -7.72 2.71 22.40
HB2 CXM A 1 -8.59 3.51 20.54
HG2 CXM A 1 -6.56 2.87 18.75
HE1 CXM A 1 -7.83 6.27 19.50
HE2 CXM A 1 -9.07 5.41 19.88
HE3 CXM A 1 -9.16 6.40 18.66
N LYS A 2 -7.13 0.30 21.73
CA LYS A 2 -6.58 -1.05 21.85
C LYS A 2 -5.61 -1.38 20.72
N GLN A 3 -6.02 -1.14 19.47
CA GLN A 3 -5.14 -1.45 18.34
C GLN A 3 -3.86 -0.63 18.39
N TYR A 4 -3.97 0.63 18.82
CA TYR A 4 -2.79 1.48 18.90
C TYR A 4 -1.84 0.99 19.99
N LEU A 5 -2.35 0.81 21.20
CA LEU A 5 -1.51 0.31 22.28
C LEU A 5 -0.90 -1.04 21.93
N GLU A 6 -1.67 -1.91 21.27
CA GLU A 6 -1.14 -3.21 20.87
C GLU A 6 0.01 -3.06 19.89
N LEU A 7 -0.06 -2.06 19.00
CA LEU A 7 1.04 -1.81 18.07
C LEU A 7 2.29 -1.36 18.82
N MET A 8 2.14 -0.42 19.76
CA MET A 8 3.28 0.04 20.54
C MET A 8 3.97 -1.14 21.23
N GLN A 9 3.19 -2.02 21.84
CA GLN A 9 3.79 -3.17 22.53
C GLN A 9 4.47 -4.11 21.54
N LYS A 10 3.92 -4.26 20.33
CA LYS A 10 4.56 -5.09 19.33
C LYS A 10 5.92 -4.52 18.93
N VAL A 11 6.02 -3.20 18.81
CA VAL A 11 7.31 -2.59 18.48
C VAL A 11 8.32 -2.85 19.59
N LEU A 12 7.88 -2.76 20.85
CA LEU A 12 8.77 -3.07 21.96
C LEU A 12 9.23 -4.53 21.93
N ASP A 13 8.37 -5.43 21.45
CA ASP A 13 8.67 -6.86 21.48
C ASP A 13 9.44 -7.32 20.25
N GLU A 14 9.08 -6.83 19.06
CA GLU A 14 9.65 -7.31 17.81
C GLU A 14 10.55 -6.29 17.13
N GLY A 15 10.73 -5.11 17.71
CA GLY A 15 11.46 -4.06 17.04
C GLY A 15 12.95 -4.30 17.03
N THR A 16 13.58 -3.85 15.95
CA THR A 16 15.02 -3.91 15.78
C THR A 16 15.60 -2.51 15.82
N GLN A 17 16.85 -2.40 16.29
CA GLN A 17 17.53 -1.12 16.29
C GLN A 17 17.84 -0.70 14.86
N LYS A 18 17.50 0.54 14.53
CA LYS A 18 17.60 1.03 13.15
C LYS A 18 17.81 2.53 13.19
N ASN A 19 19.01 2.99 12.86
CA ASN A 19 19.29 4.42 12.80
C ASN A 19 18.51 5.06 11.67
N ASP A 20 17.99 6.25 11.92
CA ASP A 20 17.13 6.93 10.96
C ASP A 20 17.93 7.90 10.10
N ARG A 21 17.22 8.75 9.37
CA ARG A 21 17.85 9.69 8.43
C ARG A 21 18.74 10.72 9.11
N THR A 22 18.79 10.74 10.45
CA THR A 22 19.62 11.69 11.17
C THR A 22 20.51 11.06 12.23
N GLY A 23 20.26 9.81 12.62
CA GLY A 23 21.02 9.18 13.67
C GLY A 23 20.40 9.27 15.05
N THR A 24 19.07 9.25 15.13
CA THR A 24 18.38 9.33 16.42
C THR A 24 18.13 7.95 17.03
N GLY A 25 17.97 6.93 16.21
CA GLY A 25 17.74 5.59 16.71
C GLY A 25 16.27 5.26 16.91
N THR A 26 15.85 4.09 16.42
CA THR A 26 14.46 3.67 16.53
C THR A 26 14.41 2.17 16.80
N LEU A 27 13.29 1.74 17.39
CA LEU A 27 12.90 0.34 17.38
C LEU A 27 11.89 0.17 16.26
N SER A 28 12.21 -0.70 15.30
CA SER A 28 11.52 -0.71 14.02
C SER A 28 11.04 -2.12 13.65
N ILE A 29 9.82 -2.19 13.10
CA ILE A 29 9.32 -3.38 12.44
C ILE A 29 8.88 -2.98 11.03
N PHE A 30 8.67 -3.99 10.19
CA PHE A 30 8.30 -3.76 8.80
C PHE A 30 7.08 -4.62 8.48
N GLY A 31 5.96 -3.96 8.15
CA GLY A 31 4.75 -4.66 7.81
C GLY A 31 3.79 -4.78 8.96
N HIS A 32 2.72 -3.98 8.95
CA HIS A 32 1.74 -4.01 10.02
C HIS A 32 0.41 -3.48 9.47
N GLN A 33 -0.69 -4.01 10.01
CA GLN A 33 -2.01 -3.63 9.56
C GLN A 33 -2.96 -3.52 10.75
N MET A 34 -3.79 -2.47 10.74
CA MET A 34 -4.81 -2.26 11.75
C MET A 34 -6.13 -1.92 11.09
N ARG A 35 -7.23 -2.24 11.78
CA ARG A 35 -8.57 -1.99 11.28
C ARG A 35 -9.36 -1.22 12.32
N PHE A 36 -9.95 -0.10 11.90
CA PHE A 36 -10.79 0.73 12.75
C PHE A 36 -12.18 0.79 12.14
N ASN A 37 -13.15 0.12 12.78
CA ASN A 37 -14.53 0.17 12.33
C ASN A 37 -15.14 1.48 12.81
N LEU A 38 -15.26 2.44 11.90
CA LEU A 38 -15.72 3.77 12.26
C LEU A 38 -17.14 3.79 12.81
N GLN A 39 -17.85 2.67 12.77
CA GLN A 39 -19.16 2.59 13.41
C GLN A 39 -19.03 2.62 14.92
N ASP A 40 -17.93 2.07 15.47
CA ASP A 40 -17.73 2.02 16.91
C ASP A 40 -17.36 3.38 17.49
N GLY A 41 -16.97 4.33 16.67
CA GLY A 41 -16.59 5.65 17.14
C GLY A 41 -15.45 6.23 16.34
N PHE A 42 -15.14 7.51 16.59
CA PHE A 42 -14.04 8.15 15.88
C PHE A 42 -12.71 7.71 16.49
N PRO A 43 -11.71 7.17 15.64
CA PRO A 43 -10.44 6.67 16.21
C PRO A 43 -9.48 7.80 16.58
N LEU A 44 -9.84 8.52 17.65
CA LEU A 44 -8.95 9.51 18.26
C LEU A 44 -8.37 8.90 19.53
N VAL A 45 -7.03 8.85 19.60
CA VAL A 45 -6.35 8.28 20.76
C VAL A 45 -6.87 8.96 22.04
N THR A 46 -7.07 8.14 23.08
CA THR A 46 -7.57 8.62 24.36
C THR A 46 -6.59 8.42 25.52
N THR A 47 -5.60 7.55 25.38
CA THR A 47 -4.59 7.40 26.42
C THR A 47 -3.68 8.62 26.53
N LYS A 48 -3.84 9.60 25.64
CA LYS A 48 -3.23 10.91 25.78
C LYS A 48 -4.12 11.91 25.06
N ARG A 49 -4.30 13.09 25.66
CA ARG A 49 -5.14 14.10 25.03
C ARG A 49 -4.55 14.52 23.69
N CYS A 50 -5.32 14.30 22.63
CA CYS A 50 -5.02 14.80 21.30
C CYS A 50 -6.00 15.91 20.96
N HIS A 51 -5.71 16.59 19.84
N HIS A 51 -5.71 16.62 19.87
CA HIS A 51 -6.52 17.71 19.36
CA HIS A 51 -6.62 17.65 19.40
C HIS A 51 -6.66 17.60 17.85
C HIS A 51 -6.67 17.62 17.88
N LEU A 52 -7.89 17.77 17.35
CA LEU A 52 -8.13 17.76 15.91
C LEU A 52 -7.78 19.07 15.24
N ARG A 53 -7.35 20.08 16.02
CA ARG A 53 -7.15 21.42 15.47
C ARG A 53 -6.26 21.39 14.23
N SER A 54 -5.01 20.99 14.40
CA SER A 54 -4.07 20.99 13.28
C SER A 54 -4.38 19.89 12.28
N ILE A 55 -5.12 18.85 12.68
CA ILE A 55 -5.47 17.78 11.75
C ILE A 55 -6.52 18.26 10.77
N ILE A 56 -7.47 19.07 11.23
CA ILE A 56 -8.53 19.57 10.35
C ILE A 56 -7.95 20.54 9.33
N HIS A 57 -7.14 21.50 9.78
CA HIS A 57 -6.57 22.49 8.87
C HIS A 57 -5.71 21.82 7.82
N GLU A 58 -4.86 20.86 8.21
CA GLU A 58 -3.99 20.22 7.25
C GLU A 58 -4.78 19.42 6.21
N LEU A 59 -5.84 18.74 6.66
CA LEU A 59 -6.69 18.02 5.72
C LEU A 59 -7.38 18.96 4.75
N LEU A 60 -7.97 20.04 5.28
CA LEU A 60 -8.56 21.05 4.40
C LEU A 60 -7.49 21.68 3.51
N TRP A 61 -6.31 21.92 4.07
CA TRP A 61 -5.19 22.42 3.28
C TRP A 61 -4.83 21.44 2.17
N PHE A 62 -4.84 20.15 2.47
CA PHE A 62 -4.61 19.15 1.42
C PHE A 62 -5.65 19.27 0.32
N LEU A 63 -6.93 19.35 0.70
CA LEU A 63 -8.02 19.29 -0.27
C LEU A 63 -8.03 20.51 -1.19
N GLN A 64 -7.49 21.65 -0.74
CA GLN A 64 -7.44 22.83 -1.59
C GLN A 64 -6.36 22.71 -2.66
N GLY A 65 -5.38 21.82 -2.47
CA GLY A 65 -4.35 21.62 -3.45
C GLY A 65 -3.20 22.60 -3.40
N ASP A 66 -3.21 23.53 -2.46
CA ASP A 66 -2.13 24.50 -2.32
C ASP A 66 -1.06 23.90 -1.42
N THR A 67 0.17 23.81 -1.92
CA THR A 67 1.29 23.32 -1.13
C THR A 67 2.04 24.43 -0.41
N ASN A 68 1.59 25.68 -0.55
CA ASN A 68 2.15 26.78 0.22
C ASN A 68 1.51 26.80 1.60
N ILE A 69 2.33 26.97 2.63
CA ILE A 69 1.86 26.83 4.02
C ILE A 69 1.23 28.14 4.50
N ALA A 70 0.95 29.06 3.58
CA ALA A 70 0.31 30.31 3.97
C ALA A 70 -0.95 30.05 4.79
N TYR A 71 -1.85 29.22 4.26
CA TYR A 71 -3.10 28.93 4.96
C TYR A 71 -2.85 28.46 6.38
N LEU A 72 -1.83 27.63 6.57
CA LEU A 72 -1.53 27.13 7.91
C LEU A 72 -1.05 28.25 8.82
N HIS A 73 -0.23 29.17 8.29
CA HIS A 73 0.22 30.30 9.10
C HIS A 73 -0.94 31.16 9.56
N GLU A 74 -1.89 31.43 8.66
CA GLU A 74 -3.05 32.23 9.04
C GLU A 74 -3.86 31.57 10.15
N ASN A 75 -3.86 30.23 10.20
CA ASN A 75 -4.65 29.49 11.17
C ASN A 75 -3.79 28.90 12.29
N ASN A 76 -2.54 29.33 12.41
CA ASN A 76 -1.71 29.00 13.57
C ASN A 76 -1.39 27.50 13.64
N VAL A 77 -1.10 26.90 12.49
CA VAL A 77 -0.65 25.52 12.41
C VAL A 77 0.82 25.52 12.01
N THR A 78 1.63 24.74 12.73
CA THR A 78 3.08 24.86 12.66
C THR A 78 3.78 23.57 12.25
N ILE A 79 3.04 22.51 11.90
CA ILE A 79 3.67 21.22 11.65
C ILE A 79 4.56 21.25 10.41
N TRP A 80 4.41 22.23 9.53
CA TRP A 80 5.17 22.30 8.29
C TRP A 80 6.18 23.44 8.28
N ASP A 81 6.35 24.15 9.40
CA ASP A 81 7.18 25.35 9.40
C ASP A 81 8.65 25.04 9.14
N GLU A 82 9.13 23.88 9.58
CA GLU A 82 10.54 23.54 9.46
C GLU A 82 10.89 22.86 8.15
N TRP A 83 9.95 22.79 7.20
CA TRP A 83 10.21 22.14 5.92
C TRP A 83 10.05 23.07 4.73
N ALA A 84 9.47 24.25 4.90
CA ALA A 84 9.22 25.16 3.79
C ALA A 84 10.40 26.08 3.55
N ASP A 85 10.49 26.58 2.32
CA ASP A 85 11.48 27.60 1.99
C ASP A 85 10.95 28.96 2.44
N GLU A 86 11.63 30.04 2.06
CA GLU A 86 11.19 31.36 2.46
C GLU A 86 9.81 31.68 1.92
N ASN A 87 9.52 31.27 0.69
CA ASN A 87 8.19 31.51 0.12
C ASN A 87 7.08 30.82 0.91
N GLY A 88 7.43 29.81 1.70
CA GLY A 88 6.43 28.96 2.32
C GLY A 88 6.00 27.80 1.46
N ASP A 89 6.77 27.44 0.45
CA ASP A 89 6.45 26.34 -0.46
C ASP A 89 7.14 25.06 -0.04
N LEU A 90 6.46 23.94 -0.29
CA LEU A 90 7.00 22.63 0.00
C LEU A 90 7.22 21.79 -1.24
N GLY A 91 6.85 22.29 -2.42
CA GLY A 91 6.89 21.51 -3.63
C GLY A 91 5.54 20.89 -3.92
N PRO A 92 5.47 20.04 -4.94
CA PRO A 92 4.21 19.35 -5.27
C PRO A 92 3.93 18.19 -4.34
N VAL A 93 3.75 18.49 -3.05
CA VAL A 93 3.52 17.46 -2.04
C VAL A 93 2.08 16.97 -2.13
N TYR A 94 1.52 16.51 -1.01
CA TYR A 94 0.21 15.86 -1.00
C TYR A 94 -0.82 16.67 -1.77
N GLY A 95 -1.09 17.90 -1.32
CA GLY A 95 -2.17 18.68 -1.90
C GLY A 95 -2.10 18.77 -3.42
N LYS A 96 -0.91 18.98 -3.97
CA LYS A 96 -0.78 19.13 -5.41
C LYS A 96 -1.15 17.83 -6.13
N GLN A 97 -0.63 16.70 -5.65
CA GLN A 97 -0.91 15.43 -6.32
C GLN A 97 -2.37 15.03 -6.19
N TRP A 98 -3.02 15.37 -5.07
CA TRP A 98 -4.42 15.02 -4.89
C TRP A 98 -5.30 15.70 -5.93
N ARG A 99 -5.06 16.98 -6.20
CA ARG A 99 -5.96 17.79 -7.00
C ARG A 99 -5.46 18.05 -8.41
N ALA A 100 -4.16 17.94 -8.66
CA ALA A 100 -3.61 18.32 -9.96
C ALA A 100 -2.35 17.48 -10.26
N TRP A 101 -2.50 16.17 -10.29
CA TRP A 101 -1.42 15.30 -10.75
C TRP A 101 -1.06 15.67 -12.18
N PRO A 102 0.16 16.16 -12.44
CA PRO A 102 0.51 16.56 -13.80
C PRO A 102 0.89 15.35 -14.65
N THR A 103 0.38 15.33 -15.87
CA THR A 103 0.64 14.25 -16.81
C THR A 103 1.82 14.62 -17.70
N PRO A 104 2.36 13.64 -18.44
CA PRO A 104 3.41 13.99 -19.41
C PRO A 104 2.90 14.91 -20.51
N ASP A 105 1.69 14.67 -21.02
CA ASP A 105 1.15 15.43 -22.13
C ASP A 105 0.50 16.73 -21.67
N GLY A 106 0.95 17.28 -20.53
CA GLY A 106 0.53 18.60 -20.13
C GLY A 106 -0.87 18.73 -19.61
N ARG A 107 -1.47 17.64 -19.12
CA ARG A 107 -2.77 17.69 -18.48
C ARG A 107 -2.62 17.52 -16.97
N HIS A 108 -3.73 17.66 -16.26
CA HIS A 108 -3.77 17.53 -14.82
C HIS A 108 -4.96 16.67 -14.41
N ILE A 109 -4.77 15.82 -13.41
CA ILE A 109 -5.77 14.86 -12.98
C ILE A 109 -6.17 15.17 -11.55
N ASP A 110 -7.46 15.45 -11.35
CA ASP A 110 -8.01 15.72 -10.02
C ASP A 110 -8.47 14.38 -9.45
N GLN A 111 -7.60 13.74 -8.68
CA GLN A 111 -7.90 12.41 -8.17
C GLN A 111 -9.05 12.44 -7.17
N ILE A 112 -9.23 13.53 -6.45
CA ILE A 112 -10.29 13.61 -5.46
C ILE A 112 -11.65 13.56 -6.15
N THR A 113 -11.84 14.36 -7.20
CA THR A 113 -13.09 14.33 -7.94
C THR A 113 -13.30 12.98 -8.63
N THR A 114 -12.22 12.34 -9.08
CA THR A 114 -12.35 11.02 -9.70
C THR A 114 -12.88 10.00 -8.70
N VAL A 115 -12.31 9.98 -7.50
CA VAL A 115 -12.75 9.05 -6.46
C VAL A 115 -14.20 9.31 -6.11
N LEU A 116 -14.55 10.58 -5.89
CA LEU A 116 -15.92 10.93 -5.53
C LEU A 116 -16.89 10.47 -6.62
N ASN A 117 -16.57 10.75 -7.89
CA ASN A 117 -17.42 10.30 -8.99
C ASN A 117 -17.49 8.78 -9.03
N GLN A 118 -16.36 8.10 -8.83
CA GLN A 118 -16.35 6.64 -8.81
C GLN A 118 -17.27 6.13 -7.72
N LEU A 119 -17.17 6.69 -6.52
CA LEU A 119 -17.99 6.22 -5.41
C LEU A 119 -19.48 6.42 -5.69
N LYS A 120 -19.82 7.45 -6.47
CA LYS A 120 -21.23 7.72 -6.76
C LYS A 120 -21.73 6.85 -7.91
N ASN A 121 -20.96 6.77 -9.00
CA ASN A 121 -21.43 6.09 -10.20
C ASN A 121 -21.06 4.62 -10.25
N ASP A 122 -19.85 4.27 -9.85
CA ASP A 122 -19.34 2.90 -9.97
C ASP A 122 -18.68 2.47 -8.66
N PRO A 123 -19.47 2.32 -7.60
CA PRO A 123 -18.90 1.96 -6.29
C PRO A 123 -18.27 0.58 -6.24
N ASP A 124 -18.52 -0.27 -7.22
CA ASP A 124 -17.92 -1.59 -7.26
C ASP A 124 -16.54 -1.60 -7.90
N SER A 125 -16.09 -0.48 -8.46
CA SER A 125 -14.78 -0.41 -9.07
C SER A 125 -13.69 -0.77 -8.06
N ARG A 126 -12.70 -1.53 -8.52
CA ARG A 126 -11.52 -1.84 -7.73
C ARG A 126 -10.36 -0.90 -8.07
N ARG A 127 -10.66 0.25 -8.68
CA ARG A 127 -9.66 1.22 -9.11
C ARG A 127 -9.80 2.55 -8.40
N ILE A 128 -10.58 2.61 -7.32
CA ILE A 128 -10.85 3.87 -6.62
C ILE A 128 -9.66 4.19 -5.74
N ILE A 129 -8.73 4.99 -6.25
CA ILE A 129 -7.42 5.14 -5.64
C ILE A 129 -6.96 6.60 -5.75
N VAL A 130 -6.18 7.01 -4.75
CA VAL A 130 -5.45 8.27 -4.76
C VAL A 130 -4.01 7.97 -4.41
N SER A 131 -3.08 8.55 -5.16
CA SER A 131 -1.65 8.33 -4.94
C SER A 131 -0.95 9.67 -4.89
N ALA A 132 -0.25 9.92 -3.80
CA ALA A 132 0.63 11.08 -3.69
C ALA A 132 2.04 10.79 -4.16
N TRP A 133 2.32 9.54 -4.55
CA TRP A 133 3.67 9.13 -4.93
C TRP A 133 3.86 9.36 -6.42
N ASN A 134 4.16 10.60 -6.78
CA ASN A 134 4.46 10.96 -8.16
C ASN A 134 5.97 10.81 -8.35
N VAL A 135 6.38 9.64 -8.87
CA VAL A 135 7.80 9.32 -8.99
C VAL A 135 8.53 10.42 -9.75
N GLY A 136 7.85 11.08 -10.69
CA GLY A 136 8.48 12.09 -11.52
C GLY A 136 8.67 13.43 -10.87
N GLU A 137 8.04 13.67 -9.72
CA GLU A 137 8.17 14.94 -9.02
C GLU A 137 8.64 14.77 -7.58
N LEU A 138 9.09 13.57 -7.20
CA LEU A 138 9.61 13.36 -5.84
C LEU A 138 10.77 14.32 -5.55
N ASP A 139 11.61 14.57 -6.54
CA ASP A 139 12.78 15.43 -6.36
C ASP A 139 12.41 16.90 -6.18
N LYS A 140 11.17 17.28 -6.45
CA LYS A 140 10.71 18.65 -6.26
C LYS A 140 10.05 18.87 -4.91
N MET A 141 9.88 17.82 -4.11
CA MET A 141 9.17 17.90 -2.84
C MET A 141 10.14 18.08 -1.69
N ALA A 142 9.77 18.95 -0.75
CA ALA A 142 10.57 19.13 0.45
C ALA A 142 10.62 17.87 1.31
N LEU A 143 9.71 16.93 1.07
CA LEU A 143 9.66 15.69 1.84
C LEU A 143 8.93 14.65 1.00
N ALA A 144 9.49 13.44 0.95
CA ALA A 144 8.84 12.37 0.21
C ALA A 144 7.50 12.00 0.87
N PRO A 145 6.44 11.80 0.09
CA PRO A 145 5.12 11.55 0.69
C PRO A 145 5.17 10.37 1.64
N CYS A 146 4.75 10.61 2.88
CA CYS A 146 4.75 9.57 3.91
C CYS A 146 3.51 8.70 3.81
N HIS A 147 2.33 9.29 3.99
CA HIS A 147 1.05 8.61 3.75
C HIS A 147 0.73 8.81 2.27
N ALA A 148 1.25 7.92 1.43
CA ALA A 148 1.40 8.18 0.01
C ALA A 148 0.42 7.44 -0.88
N PHE A 149 -0.50 6.66 -0.32
CA PHE A 149 -1.36 5.84 -1.16
C PHE A 149 -2.57 5.33 -0.38
N PHE A 150 -3.78 5.65 -0.82
CA PHE A 150 -4.97 5.11 -0.18
C PHE A 150 -6.02 4.76 -1.22
N GLN A 151 -6.91 3.84 -0.83
CA GLN A 151 -7.91 3.26 -1.71
C GLN A 151 -9.24 3.21 -0.97
N PHE A 152 -10.33 3.34 -1.72
CA PHE A 152 -11.67 3.30 -1.16
C PHE A 152 -12.40 2.05 -1.63
N TYR A 153 -13.39 1.65 -0.84
CA TYR A 153 -14.10 0.39 -1.04
C TYR A 153 -15.50 0.53 -0.46
N VAL A 154 -16.51 0.16 -1.26
CA VAL A 154 -17.92 0.33 -0.89
C VAL A 154 -18.58 -1.04 -0.90
N ALA A 155 -19.35 -1.32 0.16
CA ALA A 155 -20.10 -2.56 0.26
C ALA A 155 -21.12 -2.42 1.39
N ASP A 156 -22.32 -2.93 1.15
CA ASP A 156 -23.41 -2.86 2.12
C ASP A 156 -23.72 -1.41 2.50
N GLY A 157 -23.46 -0.48 1.59
CA GLY A 157 -23.70 0.92 1.86
C GLY A 157 -22.72 1.57 2.81
N LYS A 158 -21.59 0.91 3.09
CA LYS A 158 -20.58 1.43 4.00
C LYS A 158 -19.31 1.72 3.22
N LEU A 159 -18.72 2.88 3.45
CA LEU A 159 -17.51 3.31 2.77
C LEU A 159 -16.30 2.96 3.62
N SER A 160 -15.41 2.14 3.08
CA SER A 160 -14.15 1.80 3.73
C SER A 160 -12.99 2.47 2.99
N CYS A 161 -11.86 2.59 3.69
CA CYS A 161 -10.67 3.21 3.12
C CYS A 161 -9.44 2.55 3.72
N GLN A 162 -8.47 2.24 2.87
CA GLN A 162 -7.19 1.70 3.32
C GLN A 162 -6.08 2.67 2.93
N LEU A 163 -5.20 2.96 3.89
CA LEU A 163 -4.03 3.80 3.65
C LEU A 163 -2.77 2.95 3.74
N TYR A 164 -1.82 3.23 2.87
CA TYR A 164 -0.46 2.70 2.98
C TYR A 164 0.45 3.83 3.39
N GLN A 165 1.12 3.67 4.53
CA GLN A 165 2.05 4.65 5.06
C GLN A 165 3.43 4.02 5.08
N ARG A 166 4.34 4.52 4.26
CA ARG A 166 5.67 3.92 4.12
C ARG A 166 6.49 4.03 5.40
N SER A 167 6.21 5.02 6.23
CA SER A 167 7.00 5.28 7.43
C SER A 167 6.07 5.83 8.51
N CYS A 168 6.25 5.37 9.74
CA CYS A 168 5.34 5.73 10.82
C CYS A 168 6.11 5.98 12.11
N ASP A 169 6.11 7.24 12.55
CA ASP A 169 6.50 7.60 13.92
C ASP A 169 5.31 7.25 14.80
N VAL A 170 5.41 6.14 15.53
CA VAL A 170 4.23 5.58 16.20
C VAL A 170 3.70 6.56 17.24
N PHE A 171 4.56 7.02 18.15
CA PHE A 171 4.07 7.85 19.25
C PHE A 171 3.58 9.21 18.76
N LEU A 172 4.35 9.86 17.90
CA LEU A 172 4.07 11.24 17.50
C LEU A 172 3.09 11.31 16.34
N GLY A 173 3.37 10.63 15.24
CA GLY A 173 2.64 10.83 14.00
C GLY A 173 1.40 9.98 13.83
N LEU A 174 1.42 8.75 14.33
CA LEU A 174 0.33 7.83 14.02
C LEU A 174 -1.02 8.31 14.52
N PRO A 175 -1.18 8.77 15.76
CA PRO A 175 -2.50 9.28 16.18
C PRO A 175 -2.98 10.39 15.25
N PHE A 176 -2.05 11.21 14.76
CA PHE A 176 -2.39 12.27 13.82
C PHE A 176 -2.87 11.68 12.49
N ASN A 177 -2.15 10.70 11.96
CA ASN A 177 -2.48 10.14 10.65
C ASN A 177 -3.82 9.41 10.69
N ILE A 178 -4.04 8.57 11.70
CA ILE A 178 -5.31 7.86 11.81
C ILE A 178 -6.47 8.84 11.83
N ALA A 179 -6.41 9.83 12.72
CA ALA A 179 -7.51 10.79 12.82
C ALA A 179 -7.72 11.53 11.51
N SER A 180 -6.63 11.86 10.81
CA SER A 180 -6.74 12.63 9.58
C SER A 180 -7.55 11.88 8.53
N TYR A 181 -7.27 10.59 8.33
CA TYR A 181 -7.94 9.85 7.27
C TYR A 181 -9.34 9.40 7.70
N ALA A 182 -9.54 9.11 8.98
CA ALA A 182 -10.90 8.88 9.46
C ALA A 182 -11.78 10.09 9.18
N LEU A 183 -11.25 11.29 9.40
CA LEU A 183 -11.97 12.51 9.02
C LEU A 183 -12.31 12.48 7.53
N LEU A 184 -11.32 12.19 6.69
CA LEU A 184 -11.56 12.19 5.25
C LEU A 184 -12.66 11.21 4.87
N VAL A 185 -12.68 10.03 5.49
CA VAL A 185 -13.71 9.04 5.19
C VAL A 185 -15.09 9.60 5.52
N HIS A 186 -15.24 10.16 6.73
CA HIS A 186 -16.51 10.76 7.10
C HIS A 186 -16.94 11.85 6.11
N MET A 187 -15.98 12.68 5.70
CA MET A 187 -16.29 13.75 4.75
C MET A 187 -16.69 13.18 3.39
N MET A 188 -15.99 12.13 2.94
CA MET A 188 -16.32 11.52 1.67
C MET A 188 -17.65 10.79 1.74
N ALA A 189 -17.88 10.05 2.84
CA ALA A 189 -19.15 9.34 2.99
C ALA A 189 -20.33 10.30 3.00
N GLN A 190 -20.18 11.44 3.68
CA GLN A 190 -21.27 12.40 3.75
C GLN A 190 -21.63 12.93 2.38
N GLN A 191 -20.62 13.29 1.57
CA GLN A 191 -20.89 13.83 0.24
C GLN A 191 -21.41 12.78 -0.72
N CYS A 192 -21.23 11.50 -0.42
CA CYS A 192 -21.74 10.42 -1.26
C CYS A 192 -22.99 9.78 -0.69
N ASP A 193 -23.53 10.32 0.41
CA ASP A 193 -24.73 9.77 1.03
C ASP A 193 -24.52 8.30 1.40
N LEU A 194 -23.34 7.99 1.91
CA LEU A 194 -22.99 6.64 2.35
C LEU A 194 -22.74 6.62 3.85
N GLU A 195 -22.85 5.44 4.42
CA GLU A 195 -22.41 5.20 5.79
C GLU A 195 -20.92 4.89 5.82
N VAL A 196 -20.32 5.06 6.98
CA VAL A 196 -18.88 4.82 7.15
C VAL A 196 -18.65 3.35 7.45
N GLY A 197 -17.56 2.81 6.90
CA GLY A 197 -17.20 1.42 7.12
C GLY A 197 -15.95 1.29 7.96
N ASP A 198 -14.94 0.61 7.42
CA ASP A 198 -13.67 0.42 8.11
C ASP A 198 -12.61 1.37 7.57
N PHE A 199 -11.73 1.81 8.45
CA PHE A 199 -10.47 2.42 8.05
C PHE A 199 -9.36 1.41 8.34
N VAL A 200 -8.66 1.00 7.28
CA VAL A 200 -7.56 0.06 7.38
C VAL A 200 -6.27 0.85 7.29
N TRP A 201 -5.40 0.71 8.29
CA TRP A 201 -4.09 1.35 8.29
C TRP A 201 -3.02 0.29 8.02
N THR A 202 -2.19 0.54 7.01
CA THR A 202 -1.10 -0.35 6.66
C THR A 202 0.21 0.44 6.70
N GLY A 203 1.22 -0.12 7.35
CA GLY A 203 2.48 0.57 7.54
C GLY A 203 3.65 -0.22 6.97
N GLY A 204 4.64 0.52 6.50
CA GLY A 204 5.91 -0.07 6.11
C GLY A 204 6.86 -0.10 7.29
N ASP A 205 7.77 0.87 7.37
CA ASP A 205 8.67 0.99 8.52
C ASP A 205 7.91 1.62 9.67
N THR A 206 7.43 0.80 10.59
CA THR A 206 6.66 1.24 11.75
C THR A 206 7.57 1.15 12.98
N HIS A 207 7.79 2.29 13.64
CA HIS A 207 8.89 2.37 14.60
C HIS A 207 8.55 3.32 15.75
N LEU A 208 9.15 3.03 16.91
CA LEU A 208 9.17 3.94 18.04
C LEU A 208 10.56 4.54 18.17
N TYR A 209 10.62 5.85 18.43
CA TYR A 209 11.91 6.51 18.58
C TYR A 209 12.48 6.26 19.97
N SER A 210 13.82 6.16 20.02
CA SER A 210 14.49 5.78 21.27
C SER A 210 14.15 6.72 22.41
N ASN A 211 13.94 8.00 22.12
CA ASN A 211 13.65 9.00 23.14
C ASN A 211 12.16 9.13 23.42
N HIS A 212 11.36 8.11 23.07
CA HIS A 212 9.94 8.09 23.35
C HIS A 212 9.56 6.96 24.30
N MET A 213 10.53 6.29 24.91
CA MET A 213 10.23 5.17 25.79
C MET A 213 9.39 5.63 26.98
N ASP A 214 9.83 6.68 27.68
CA ASP A 214 9.08 7.16 28.84
C ASP A 214 7.66 7.53 28.47
N GLN A 215 7.47 8.22 27.34
CA GLN A 215 6.13 8.57 26.91
C GLN A 215 5.35 7.32 26.48
N THR A 216 6.02 6.40 25.79
CA THR A 216 5.37 5.15 25.40
C THR A 216 4.86 4.40 26.63
N HIS A 217 5.75 4.15 27.60
CA HIS A 217 5.38 3.39 28.79
C HIS A 217 4.26 4.08 29.56
N LEU A 218 4.33 5.40 29.69
CA LEU A 218 3.26 6.14 30.38
C LEU A 218 1.91 5.90 29.69
N GLN A 219 1.90 5.95 28.36
CA GLN A 219 0.66 5.71 27.64
C GLN A 219 0.22 4.26 27.76
N LEU A 220 1.17 3.32 27.72
CA LEU A 220 0.82 1.91 27.87
C LEU A 220 0.19 1.62 29.22
N SER A 221 0.60 2.35 30.27
CA SER A 221 0.05 2.12 31.60
C SER A 221 -1.40 2.55 31.73
N ARG A 222 -1.94 3.26 30.75
CA ARG A 222 -3.29 3.81 30.82
C ARG A 222 -4.26 2.95 30.03
N GLU A 223 -5.52 2.91 30.51
CA GLU A 223 -6.57 2.14 29.85
C GLU A 223 -7.29 3.00 28.82
N PRO A 224 -7.47 2.52 27.59
CA PRO A 224 -8.22 3.30 26.60
C PRO A 224 -9.61 3.67 27.11
N ARG A 225 -9.98 4.93 26.91
CA ARG A 225 -11.32 5.41 27.21
C ARG A 225 -12.26 5.07 26.06
N PRO A 226 -13.57 5.19 26.27
CA PRO A 226 -14.50 4.97 25.15
C PRO A 226 -14.25 5.96 24.03
N LEU A 227 -14.29 5.46 22.79
CA LEU A 227 -14.04 6.29 21.64
C LEU A 227 -15.05 7.44 21.57
N PRO A 228 -14.64 8.61 21.10
CA PRO A 228 -15.58 9.72 20.94
C PRO A 228 -16.37 9.55 19.64
N LYS A 229 -17.31 10.47 19.42
CA LYS A 229 -18.15 10.48 18.23
C LYS A 229 -17.96 11.80 17.49
N LEU A 230 -17.74 11.71 16.18
CA LEU A 230 -17.59 12.91 15.36
C LEU A 230 -18.94 13.55 15.10
N ILE A 231 -18.96 14.89 15.09
CA ILE A 231 -20.19 15.66 14.92
C ILE A 231 -19.93 16.67 13.81
N ILE A 232 -20.38 16.36 12.60
CA ILE A 232 -20.35 17.32 11.50
C ILE A 232 -21.62 18.16 11.61
N LYS A 233 -21.46 19.43 11.96
CA LYS A 233 -22.59 20.30 12.25
C LYS A 233 -23.13 21.01 11.02
N ARG A 234 -22.56 20.74 9.84
CA ARG A 234 -22.98 21.42 8.62
C ARG A 234 -22.57 20.55 7.44
N LYS A 235 -23.48 20.37 6.49
CA LYS A 235 -23.19 19.55 5.31
C LYS A 235 -22.91 20.46 4.12
N PRO A 236 -21.67 20.55 3.65
CA PRO A 236 -21.41 21.37 2.46
C PRO A 236 -21.95 20.71 1.20
N GLU A 237 -22.17 21.55 0.18
CA GLU A 237 -22.59 21.08 -1.13
C GLU A 237 -21.44 20.59 -1.98
N SER A 238 -20.23 20.53 -1.42
CA SER A 238 -19.06 20.05 -2.13
C SER A 238 -18.06 19.48 -1.13
N ILE A 239 -17.28 18.51 -1.59
CA ILE A 239 -16.21 17.97 -0.75
C ILE A 239 -15.14 19.03 -0.49
N PHE A 240 -15.06 20.05 -1.34
CA PHE A 240 -14.05 21.10 -1.23
C PHE A 240 -14.59 22.36 -0.55
N ASP A 241 -15.77 22.29 0.08
CA ASP A 241 -16.38 23.44 0.74
C ASP A 241 -16.61 23.18 2.22
N TYR A 242 -15.71 22.44 2.86
CA TYR A 242 -15.78 22.23 4.31
C TYR A 242 -15.06 23.35 5.04
N ARG A 243 -15.54 23.63 6.25
CA ARG A 243 -15.00 24.72 7.07
C ARG A 243 -14.56 24.18 8.42
N PHE A 244 -13.55 24.83 9.00
CA PHE A 244 -12.94 24.33 10.23
C PHE A 244 -13.99 24.11 11.32
N GLU A 245 -14.92 25.04 11.47
CA GLU A 245 -15.93 24.96 12.52
C GLU A 245 -17.00 23.90 12.24
N ASP A 246 -16.94 23.21 11.10
CA ASP A 246 -17.93 22.18 10.81
C ASP A 246 -17.79 20.96 11.71
N PHE A 247 -16.61 20.75 12.29
CA PHE A 247 -16.29 19.51 12.98
C PHE A 247 -16.23 19.74 14.49
N GLU A 248 -16.94 18.90 15.23
CA GLU A 248 -16.83 18.81 16.69
C GLU A 248 -16.65 17.34 17.07
N ILE A 249 -16.39 17.12 18.36
CA ILE A 249 -16.34 15.76 18.91
C ILE A 249 -17.07 15.77 20.25
N GLU A 250 -17.80 14.69 20.53
CA GLU A 250 -18.49 14.50 21.79
C GLU A 250 -17.98 13.24 22.48
N GLY A 251 -18.12 13.22 23.80
CA GLY A 251 -17.69 12.06 24.57
C GLY A 251 -16.20 11.80 24.49
N TYR A 252 -15.40 12.84 24.29
CA TYR A 252 -13.94 12.72 24.25
C TYR A 252 -13.41 13.19 25.60
N ASP A 253 -12.98 12.24 26.42
CA ASP A 253 -12.55 12.49 27.80
C ASP A 253 -11.22 11.79 28.04
N PRO A 254 -10.14 12.30 27.45
CA PRO A 254 -8.88 11.56 27.41
C PRO A 254 -8.09 11.65 28.71
N HIS A 255 -7.04 10.85 28.77
CA HIS A 255 -6.03 10.97 29.82
C HIS A 255 -5.21 12.23 29.60
N PRO A 256 -4.48 12.69 30.62
CA PRO A 256 -3.63 13.86 30.46
C PRO A 256 -2.80 13.78 29.19
N GLY A 257 -2.70 14.92 28.49
CA GLY A 257 -1.92 14.95 27.26
C GLY A 257 -0.46 14.62 27.54
N ILE A 258 0.12 13.84 26.65
CA ILE A 258 1.54 13.51 26.75
C ILE A 258 2.27 14.30 25.68
N LYS A 259 3.42 14.82 26.08
CA LYS A 259 4.23 15.71 25.27
C LYS A 259 5.63 15.12 25.17
N ALA A 260 6.19 15.12 23.98
CA ALA A 260 7.57 14.70 23.83
C ALA A 260 8.31 15.76 23.03
N PRO A 261 9.62 15.63 22.88
CA PRO A 261 10.35 16.51 21.94
C PRO A 261 9.96 16.19 20.51
N VAL A 262 9.48 17.19 19.79
CA VAL A 262 8.80 16.99 18.51
C VAL A 262 9.81 16.84 17.39
N ALA A 263 9.48 15.96 16.43
CA ALA A 263 10.21 15.77 15.17
C ALA A 263 11.59 16.43 15.11
N CXM B 1 -0.40 -22.76 0.55
CA CXM B 1 0.32 -22.40 1.78
CB CXM B 1 1.26 -21.24 1.51
CG CXM B 1 2.37 -21.57 0.52
SD CXM B 1 3.30 -20.10 0.04
CE CXM B 1 2.04 -19.17 -0.81
C CXM B 1 -0.67 -22.02 2.87
O CXM B 1 -1.80 -21.63 2.59
CN CXM B 1 -0.13 -23.92 -0.07
ON1 CXM B 1 -0.88 -24.30 -0.98
ON2 CXM B 1 0.98 -24.45 0.07
H CXM B 1 -1.25 -22.67 0.61
HA CXM B 1 0.85 -23.18 2.08
HB2 CXM B 1 1.67 -20.96 2.34
HG2 CXM B 1 1.99 -21.94 -0.27
HE1 CXM B 1 1.31 -18.99 -0.21
HE2 CXM B 1 1.72 -19.69 -1.55
HE3 CXM B 1 2.41 -18.34 -1.13
N LYS B 2 -0.24 -22.14 4.12
CA LYS B 2 -1.11 -21.84 5.26
C LYS B 2 -1.75 -20.46 5.13
N GLN B 3 -0.92 -19.43 4.93
CA GLN B 3 -1.44 -18.08 4.81
C GLN B 3 -2.41 -17.96 3.66
N TYR B 4 -2.12 -18.62 2.53
CA TYR B 4 -2.96 -18.51 1.35
C TYR B 4 -4.31 -19.17 1.56
N LEU B 5 -4.33 -20.40 2.09
CA LEU B 5 -5.60 -21.06 2.37
C LEU B 5 -6.39 -20.33 3.44
N GLU B 6 -5.69 -19.74 4.42
N GLU B 6 -5.68 -19.76 4.42
CA GLU B 6 -6.40 -19.00 5.46
CA GLU B 6 -6.34 -18.98 5.46
C GLU B 6 -7.15 -17.82 4.86
C GLU B 6 -7.13 -17.82 4.86
N LEU B 7 -6.51 -17.09 3.94
CA LEU B 7 -7.18 -15.98 3.27
C LEU B 7 -8.34 -16.47 2.41
N MET B 8 -8.12 -17.53 1.63
CA MET B 8 -9.20 -18.12 0.85
C MET B 8 -10.35 -18.54 1.77
N GLN B 9 -10.02 -19.10 2.93
CA GLN B 9 -11.03 -19.40 3.95
C GLN B 9 -11.72 -18.13 4.44
N LYS B 10 -10.94 -17.05 4.59
CA LYS B 10 -11.51 -15.81 5.12
C LYS B 10 -12.51 -15.20 4.15
N VAL B 11 -12.23 -15.27 2.85
CA VAL B 11 -13.15 -14.67 1.87
C VAL B 11 -14.48 -15.41 1.88
N LEU B 12 -14.46 -16.74 1.92
CA LEU B 12 -15.70 -17.50 1.94
C LEU B 12 -16.53 -17.22 3.17
N ASP B 13 -15.89 -16.93 4.31
CA ASP B 13 -16.59 -16.77 5.57
C ASP B 13 -17.01 -15.34 5.86
N GLU B 14 -16.49 -14.36 5.11
CA GLU B 14 -16.80 -12.96 5.37
C GLU B 14 -16.98 -12.13 4.10
N GLY B 15 -16.78 -12.71 2.92
CA GLY B 15 -16.88 -11.93 1.71
C GLY B 15 -18.29 -11.43 1.46
N THR B 16 -18.37 -10.32 0.75
CA THR B 16 -19.64 -9.72 0.38
C THR B 16 -19.92 -9.99 -1.10
N GLN B 17 -21.16 -10.35 -1.41
CA GLN B 17 -21.58 -10.60 -2.79
C GLN B 17 -21.52 -9.28 -3.57
N LYS B 18 -20.46 -9.10 -4.34
CA LYS B 18 -20.27 -7.91 -5.15
C LYS B 18 -20.29 -8.27 -6.63
N ASN B 19 -20.85 -7.39 -7.44
CA ASN B 19 -20.66 -7.43 -8.88
C ASN B 19 -19.39 -6.66 -9.23
N ASP B 20 -18.79 -7.02 -10.36
CA ASP B 20 -17.47 -6.51 -10.70
C ASP B 20 -17.43 -6.07 -12.16
N ARG B 21 -16.29 -5.51 -12.55
CA ARG B 21 -16.10 -4.99 -13.89
C ARG B 21 -16.43 -6.02 -14.97
N THR B 22 -16.21 -7.31 -14.67
CA THR B 22 -16.36 -8.36 -15.67
C THR B 22 -17.75 -9.01 -15.65
N GLY B 23 -18.64 -8.57 -14.77
CA GLY B 23 -19.97 -9.15 -14.70
C GLY B 23 -20.00 -10.60 -14.21
N THR B 24 -18.89 -11.13 -13.72
CA THR B 24 -18.88 -12.50 -13.22
C THR B 24 -19.52 -12.60 -11.84
N GLY B 25 -19.20 -11.67 -10.94
CA GLY B 25 -19.63 -11.77 -9.56
C GLY B 25 -18.52 -12.29 -8.66
N THR B 26 -18.37 -11.69 -7.48
CA THR B 26 -17.28 -12.05 -6.59
C THR B 26 -17.73 -11.96 -5.14
N LEU B 27 -17.09 -12.77 -4.30
CA LEU B 27 -17.12 -12.56 -2.86
C LEU B 27 -15.89 -11.75 -2.48
N SER B 28 -16.07 -10.68 -1.73
CA SER B 28 -15.04 -9.65 -1.58
C SER B 28 -14.86 -9.23 -0.13
N ILE B 29 -13.60 -9.14 0.28
CA ILE B 29 -13.20 -8.46 1.51
C ILE B 29 -12.24 -7.34 1.12
N PHE B 30 -12.03 -6.41 2.04
CA PHE B 30 -11.16 -5.26 1.80
C PHE B 30 -10.21 -5.11 2.98
N GLY B 31 -8.91 -5.21 2.70
CA GLY B 31 -7.90 -5.07 3.73
C GLY B 31 -7.44 -6.39 4.30
N HIS B 32 -6.25 -6.83 3.91
CA HIS B 32 -5.70 -8.08 4.40
C HIS B 32 -4.18 -8.02 4.27
N GLN B 33 -3.50 -8.80 5.09
CA GLN B 33 -2.04 -8.79 5.11
C GLN B 33 -1.51 -10.19 5.41
N MET B 34 -0.44 -10.56 4.72
CA MET B 34 0.22 -11.84 4.91
C MET B 34 1.72 -11.63 4.91
N ARG B 35 2.43 -12.50 5.63
CA ARG B 35 3.88 -12.46 5.69
C ARG B 35 4.44 -13.83 5.31
N PHE B 36 5.54 -13.80 4.55
CA PHE B 36 6.21 -15.02 4.11
C PHE B 36 7.69 -14.88 4.44
N ASN B 37 8.18 -15.65 5.41
CA ASN B 37 9.60 -15.71 5.70
C ASN B 37 10.27 -16.55 4.61
N LEU B 38 11.12 -15.91 3.81
CA LEU B 38 11.68 -16.56 2.64
C LEU B 38 12.81 -17.52 2.97
N GLN B 39 13.42 -17.41 4.15
CA GLN B 39 14.39 -18.40 4.59
C GLN B 39 13.74 -19.69 5.04
N ASP B 40 12.44 -19.66 5.33
CA ASP B 40 11.72 -20.90 5.65
C ASP B 40 11.52 -21.75 4.40
N GLY B 41 11.30 -21.11 3.25
CA GLY B 41 11.07 -21.81 2.01
C GLY B 41 10.51 -20.87 0.96
N PHE B 42 10.62 -21.24 -0.31
CA PHE B 42 10.10 -20.40 -1.38
C PHE B 42 8.58 -20.50 -1.41
N PRO B 43 7.77 -19.28 -1.32
CA PRO B 43 6.30 -19.34 -1.21
C PRO B 43 5.59 -19.61 -2.54
N LEU B 44 5.62 -20.88 -2.93
CA LEU B 44 4.95 -21.36 -4.14
C LEU B 44 3.84 -22.32 -3.73
N VAL B 45 2.60 -21.96 -4.07
CA VAL B 45 1.44 -22.75 -3.65
C VAL B 45 1.68 -24.22 -3.95
N THR B 46 1.21 -25.08 -3.02
CA THR B 46 1.36 -26.53 -3.17
C THR B 46 0.02 -27.26 -3.23
N THR B 47 -1.06 -26.69 -2.72
CA THR B 47 -2.36 -27.36 -2.79
C THR B 47 -2.94 -27.36 -4.21
N LYS B 48 -2.30 -26.71 -5.16
CA LYS B 48 -2.58 -26.90 -6.57
C LYS B 48 -1.29 -26.61 -7.32
N ARG B 49 -1.05 -27.36 -8.40
CA ARG B 49 0.20 -27.20 -9.12
C ARG B 49 0.26 -25.83 -9.79
N CYS B 50 1.37 -25.13 -9.57
CA CYS B 50 1.65 -23.86 -10.22
C CYS B 50 2.93 -23.98 -11.03
N HIS B 51 2.92 -23.40 -12.23
CA HIS B 51 4.04 -23.53 -13.16
C HIS B 51 4.93 -22.30 -13.01
N LEU B 52 6.06 -22.49 -12.35
CA LEU B 52 7.01 -21.40 -12.17
C LEU B 52 7.51 -20.84 -13.49
N ARG B 53 7.40 -21.60 -14.58
CA ARG B 53 7.91 -21.17 -15.87
C ARG B 53 7.40 -19.79 -16.24
N SER B 54 6.08 -19.65 -16.40
CA SER B 54 5.51 -18.37 -16.81
C SER B 54 5.83 -17.26 -15.82
N ILE B 55 5.92 -17.58 -14.53
CA ILE B 55 6.22 -16.58 -13.52
C ILE B 55 7.60 -15.97 -13.77
N ILE B 56 8.60 -16.81 -13.97
CA ILE B 56 9.96 -16.33 -14.20
C ILE B 56 10.00 -15.43 -15.43
N HIS B 57 9.49 -15.93 -16.56
CA HIS B 57 9.55 -15.16 -17.80
C HIS B 57 8.82 -13.82 -17.66
N GLU B 58 7.80 -13.75 -16.80
CA GLU B 58 7.09 -12.50 -16.60
C GLU B 58 7.97 -11.49 -15.87
N LEU B 59 8.62 -11.92 -14.78
CA LEU B 59 9.45 -11.00 -14.01
C LEU B 59 10.64 -10.52 -14.83
N LEU B 60 11.33 -11.44 -15.50
CA LEU B 60 12.40 -11.03 -16.40
C LEU B 60 11.87 -10.11 -17.48
N TRP B 61 10.60 -10.26 -17.85
CA TRP B 61 9.97 -9.38 -18.82
C TRP B 61 9.62 -8.01 -18.22
N PHE B 62 9.34 -7.96 -16.92
CA PHE B 62 9.15 -6.67 -16.26
C PHE B 62 10.45 -5.90 -16.14
N LEU B 63 11.52 -6.57 -15.70
CA LEU B 63 12.78 -5.91 -15.43
C LEU B 63 13.47 -5.38 -16.68
N GLN B 64 12.97 -5.73 -17.87
CA GLN B 64 13.51 -5.19 -19.11
C GLN B 64 12.77 -3.92 -19.57
N GLY B 65 11.77 -3.48 -18.82
CA GLY B 65 11.00 -2.31 -19.21
C GLY B 65 10.10 -2.53 -20.40
N ASP B 66 9.87 -3.78 -20.77
CA ASP B 66 9.13 -4.12 -21.98
C ASP B 66 7.66 -4.39 -21.64
N THR B 67 6.78 -3.93 -22.52
CA THR B 67 5.34 -4.16 -22.38
C THR B 67 4.75 -4.92 -23.55
N ASN B 68 5.56 -5.28 -24.55
CA ASN B 68 5.10 -6.11 -25.66
C ASN B 68 5.24 -7.57 -25.27
N ILE B 69 4.20 -8.37 -25.56
CA ILE B 69 4.18 -9.76 -25.13
C ILE B 69 4.96 -10.63 -26.11
N ALA B 70 5.68 -10.01 -27.05
CA ALA B 70 6.45 -10.78 -28.02
C ALA B 70 7.46 -11.69 -27.31
N TYR B 71 8.16 -11.16 -26.30
CA TYR B 71 9.08 -12.00 -25.55
C TYR B 71 8.36 -13.14 -24.85
N LEU B 72 7.16 -12.87 -24.32
CA LEU B 72 6.39 -13.92 -23.67
C LEU B 72 5.98 -15.01 -24.64
N HIS B 73 5.82 -14.67 -25.93
CA HIS B 73 5.48 -15.67 -26.93
C HIS B 73 6.66 -16.60 -27.19
N GLU B 74 7.88 -16.05 -27.23
CA GLU B 74 9.05 -16.86 -27.54
C GLU B 74 9.16 -18.08 -26.63
N ASN B 75 8.72 -17.96 -25.37
CA ASN B 75 8.84 -19.04 -24.40
C ASN B 75 7.48 -19.65 -24.06
N ASN B 76 6.52 -19.54 -24.97
CA ASN B 76 5.19 -20.12 -24.80
C ASN B 76 4.57 -19.70 -23.47
N VAL B 77 4.60 -18.40 -23.22
CA VAL B 77 3.95 -17.79 -22.06
C VAL B 77 2.79 -16.94 -22.58
N THR B 78 1.57 -17.34 -22.24
CA THR B 78 0.36 -16.78 -22.86
C THR B 78 -0.54 -16.07 -21.87
N ILE B 79 -0.07 -15.82 -20.65
CA ILE B 79 -0.94 -15.30 -19.60
C ILE B 79 -1.46 -13.90 -19.91
N TRP B 80 -0.82 -13.16 -20.82
CA TRP B 80 -1.20 -11.80 -21.15
C TRP B 80 -1.75 -11.68 -22.57
N ASP B 81 -2.37 -12.73 -23.10
CA ASP B 81 -2.83 -12.71 -24.48
C ASP B 81 -4.19 -12.03 -24.62
N GLU B 82 -5.11 -12.31 -23.70
CA GLU B 82 -6.47 -11.77 -23.80
C GLU B 82 -6.52 -10.25 -23.67
N TRP B 83 -5.43 -9.60 -23.30
CA TRP B 83 -5.43 -8.16 -23.07
C TRP B 83 -4.56 -7.37 -24.03
N ALA B 84 -3.71 -8.03 -24.82
CA ALA B 84 -2.88 -7.33 -25.79
C ALA B 84 -3.62 -7.18 -27.12
N ASP B 85 -3.22 -6.17 -27.88
CA ASP B 85 -3.78 -5.97 -29.22
C ASP B 85 -3.09 -6.89 -30.21
N GLU B 86 -3.24 -6.61 -31.52
CA GLU B 86 -2.65 -7.49 -32.53
C GLU B 86 -1.14 -7.52 -32.43
N ASN B 87 -0.52 -6.38 -32.13
CA ASN B 87 0.94 -6.29 -32.01
C ASN B 87 1.45 -6.74 -30.64
N GLY B 88 0.59 -7.33 -29.82
CA GLY B 88 1.02 -7.79 -28.52
C GLY B 88 1.37 -6.69 -27.54
N ASP B 89 0.81 -5.50 -27.71
CA ASP B 89 1.11 -4.36 -26.85
C ASP B 89 0.04 -4.22 -25.77
N LEU B 90 0.48 -3.88 -24.57
CA LEU B 90 -0.42 -3.64 -23.45
C LEU B 90 -0.45 -2.18 -23.01
N GLY B 91 0.47 -1.36 -23.49
CA GLY B 91 0.56 0.02 -23.07
C GLY B 91 1.57 0.20 -21.96
N PRO B 92 1.72 1.45 -21.50
CA PRO B 92 2.69 1.71 -20.41
C PRO B 92 2.29 1.02 -19.11
N VAL B 93 2.54 -0.28 -19.02
CA VAL B 93 2.17 -1.05 -17.85
C VAL B 93 3.39 -1.28 -16.96
N TYR B 94 3.39 -2.38 -16.20
CA TYR B 94 4.37 -2.56 -15.13
C TYR B 94 5.79 -2.27 -15.59
N GLY B 95 6.22 -2.92 -16.68
CA GLY B 95 7.60 -2.76 -17.12
C GLY B 95 7.96 -1.32 -17.44
N LYS B 96 7.09 -0.63 -18.19
CA LYS B 96 7.40 0.74 -18.59
C LYS B 96 7.62 1.64 -17.38
N GLN B 97 6.81 1.45 -16.34
CA GLN B 97 6.93 2.32 -15.17
C GLN B 97 8.16 1.97 -14.34
N TRP B 98 8.47 0.67 -14.21
CA TRP B 98 9.62 0.26 -13.40
C TRP B 98 10.92 0.85 -13.94
N ARG B 99 11.08 0.88 -15.26
CA ARG B 99 12.34 1.24 -15.87
C ARG B 99 12.38 2.64 -16.45
N ALA B 100 11.23 3.25 -16.74
CA ALA B 100 11.22 4.57 -17.37
C ALA B 100 9.92 5.33 -17.09
N TRP B 101 9.66 5.59 -15.82
CA TRP B 101 8.55 6.46 -15.45
C TRP B 101 8.73 7.81 -16.15
N PRO B 102 7.78 8.25 -16.98
CA PRO B 102 7.96 9.51 -17.72
C PRO B 102 7.57 10.71 -16.86
N THR B 103 8.50 11.64 -16.69
CA THR B 103 8.26 12.86 -15.93
C THR B 103 7.44 13.84 -16.77
N PRO B 104 6.98 14.94 -16.15
CA PRO B 104 6.25 15.94 -16.95
C PRO B 104 7.16 16.72 -17.89
N ASP B 105 8.37 17.04 -17.45
CA ASP B 105 9.29 17.82 -18.28
C ASP B 105 9.87 17.02 -19.43
N GLY B 106 9.83 15.69 -19.36
CA GLY B 106 10.25 14.86 -20.48
C GLY B 106 11.24 13.76 -20.14
N ARG B 107 11.86 13.85 -18.96
CA ARG B 107 12.87 12.87 -18.57
C ARG B 107 12.21 11.51 -18.32
N HIS B 108 13.05 10.52 -18.00
CA HIS B 108 12.59 9.20 -17.61
C HIS B 108 13.32 8.76 -16.36
N ILE B 109 12.64 7.97 -15.54
CA ILE B 109 13.15 7.56 -14.23
C ILE B 109 13.22 6.04 -14.21
N ASP B 110 14.38 5.51 -13.86
CA ASP B 110 14.59 4.06 -13.71
C ASP B 110 14.45 3.73 -12.22
N GLN B 111 13.30 3.18 -11.83
CA GLN B 111 13.06 2.90 -10.43
C GLN B 111 13.83 1.69 -9.95
N ILE B 112 14.04 0.69 -10.82
CA ILE B 112 14.78 -0.50 -10.42
C ILE B 112 16.21 -0.13 -10.07
N THR B 113 16.86 0.65 -10.94
CA THR B 113 18.21 1.13 -10.65
C THR B 113 18.23 1.97 -9.37
N THR B 114 17.26 2.89 -9.24
CA THR B 114 17.20 3.75 -8.08
C THR B 114 17.20 2.94 -6.79
N VAL B 115 16.30 1.96 -6.68
CA VAL B 115 16.21 1.14 -5.48
C VAL B 115 17.51 0.38 -5.24
N LEU B 116 18.12 -0.15 -6.30
CA LEU B 116 19.33 -0.93 -6.14
C LEU B 116 20.45 -0.09 -5.54
N ASN B 117 20.50 1.21 -5.86
CA ASN B 117 21.51 2.07 -5.27
C ASN B 117 21.14 2.48 -3.84
N GLN B 118 19.85 2.69 -3.58
CA GLN B 118 19.41 2.96 -2.22
C GLN B 118 19.75 1.80 -1.29
N LEU B 119 19.52 0.56 -1.76
CA LEU B 119 19.77 -0.60 -0.93
C LEU B 119 21.26 -0.77 -0.64
N LYS B 120 22.12 -0.35 -1.56
CA LYS B 120 23.56 -0.48 -1.36
C LYS B 120 24.14 0.68 -0.56
N ASN B 121 23.72 1.91 -0.88
CA ASN B 121 24.33 3.09 -0.29
C ASN B 121 23.61 3.61 0.94
N ASP B 122 22.31 3.34 1.08
CA ASP B 122 21.53 3.85 2.21
C ASP B 122 20.44 2.84 2.56
N PRO B 123 20.84 1.67 3.07
CA PRO B 123 19.83 0.62 3.36
C PRO B 123 18.87 0.99 4.47
N ASP B 124 19.19 1.95 5.32
CA ASP B 124 18.26 2.40 6.36
C ASP B 124 17.13 3.25 5.80
N SER B 125 17.22 3.69 4.55
CA SER B 125 16.19 4.55 3.98
C SER B 125 14.81 3.93 4.12
N ARG B 126 13.85 4.77 4.49
CA ARG B 126 12.46 4.35 4.62
C ARG B 126 11.60 4.81 3.45
N ARG B 127 12.23 5.17 2.32
CA ARG B 127 11.52 5.59 1.11
C ARG B 127 12.06 4.87 -0.11
N ILE B 128 12.33 3.56 0.04
CA ILE B 128 12.82 2.75 -1.08
C ILE B 128 11.57 2.18 -1.75
N ILE B 129 11.02 2.95 -2.70
CA ILE B 129 9.73 2.66 -3.30
C ILE B 129 9.88 2.48 -4.80
N VAL B 130 9.21 1.46 -5.34
CA VAL B 130 8.91 1.37 -6.76
C VAL B 130 7.39 1.42 -6.90
N SER B 131 6.91 2.24 -7.83
CA SER B 131 5.47 2.37 -8.05
C SER B 131 5.16 2.16 -9.52
N ALA B 132 4.11 1.38 -9.77
CA ALA B 132 3.59 1.19 -11.12
C ALA B 132 2.30 1.96 -11.36
N TRP B 133 1.76 2.62 -10.33
CA TRP B 133 0.51 3.37 -10.46
C TRP B 133 0.83 4.76 -10.96
N ASN B 134 0.85 4.92 -12.28
CA ASN B 134 1.12 6.20 -12.92
C ASN B 134 -0.21 6.82 -13.31
N VAL B 135 -0.76 7.63 -12.40
CA VAL B 135 -2.08 8.21 -12.61
C VAL B 135 -2.16 8.92 -13.95
N GLY B 136 -1.05 9.51 -14.40
CA GLY B 136 -1.05 10.26 -15.65
C GLY B 136 -1.16 9.41 -16.90
N GLU B 137 -1.03 8.08 -16.78
CA GLU B 137 -1.05 7.21 -17.96
C GLU B 137 -1.96 6.00 -17.78
N LEU B 138 -2.76 5.95 -16.71
CA LEU B 138 -3.66 4.80 -16.52
C LEU B 138 -4.55 4.59 -17.73
N ASP B 139 -5.08 5.68 -18.31
CA ASP B 139 -6.00 5.57 -19.43
C ASP B 139 -5.36 4.94 -20.66
N LYS B 140 -4.03 4.81 -20.71
CA LYS B 140 -3.34 4.19 -21.82
C LYS B 140 -3.01 2.73 -21.59
N MET B 141 -3.28 2.21 -20.40
CA MET B 141 -2.97 0.82 -20.08
C MET B 141 -4.17 -0.06 -20.40
N ALA B 142 -3.90 -1.25 -20.96
CA ALA B 142 -4.96 -2.21 -21.23
C ALA B 142 -5.63 -2.71 -19.95
N LEU B 143 -4.97 -2.53 -18.81
CA LEU B 143 -5.52 -2.95 -17.52
C LEU B 143 -4.73 -2.26 -16.42
N ALA B 144 -5.42 -1.62 -15.48
CA ALA B 144 -4.73 -0.89 -14.44
C ALA B 144 -3.86 -1.85 -13.62
N PRO B 145 -2.78 -1.34 -13.02
CA PRO B 145 -1.91 -2.22 -12.24
C PRO B 145 -2.64 -2.84 -11.07
N CYS B 146 -2.42 -4.15 -10.88
CA CYS B 146 -2.93 -4.85 -9.70
C CYS B 146 -1.91 -4.83 -8.57
N HIS B 147 -0.68 -5.28 -8.86
CA HIS B 147 0.44 -5.13 -7.93
C HIS B 147 1.03 -3.76 -8.19
N ALA B 148 0.47 -2.75 -7.51
CA ALA B 148 0.61 -1.37 -7.95
C ALA B 148 1.80 -0.63 -7.36
N PHE B 149 2.25 -1.00 -6.17
N PHE B 149 2.33 -1.10 -6.22
CA PHE B 149 3.46 -0.38 -5.66
CA PHE B 149 3.21 -0.30 -5.37
C PHE B 149 3.92 -1.12 -4.42
C PHE B 149 3.91 -1.22 -4.36
N PHE B 150 5.24 -1.18 -4.28
CA PHE B 150 5.92 -1.98 -3.27
C PHE B 150 7.08 -1.19 -2.68
N GLN B 151 7.45 -1.59 -1.46
CA GLN B 151 8.47 -0.91 -0.66
C GLN B 151 9.48 -1.93 -0.17
N PHE B 152 10.75 -1.54 -0.17
CA PHE B 152 11.82 -2.39 0.32
C PHE B 152 12.28 -1.90 1.70
N TYR B 153 12.91 -2.82 2.45
CA TYR B 153 13.28 -2.59 3.83
C TYR B 153 14.46 -3.47 4.18
N VAL B 154 15.43 -2.91 4.90
CA VAL B 154 16.65 -3.63 5.25
C VAL B 154 16.86 -3.52 6.76
N ALA B 155 17.12 -4.66 7.39
CA ALA B 155 17.43 -4.71 8.81
C ALA B 155 18.13 -6.02 9.12
N ASP B 156 19.17 -5.96 9.96
CA ASP B 156 19.93 -7.15 10.34
C ASP B 156 20.44 -7.89 9.11
N GLY B 157 20.90 -7.13 8.12
CA GLY B 157 21.43 -7.70 6.89
C GLY B 157 20.42 -8.45 6.05
N LYS B 158 19.13 -8.37 6.41
CA LYS B 158 18.08 -9.06 5.70
C LYS B 158 17.26 -8.08 4.86
N LEU B 159 16.88 -8.51 3.66
CA LEU B 159 16.11 -7.69 2.74
C LEU B 159 14.65 -8.15 2.76
N SER B 160 13.75 -7.23 3.08
CA SER B 160 12.32 -7.49 3.06
C SER B 160 11.64 -6.58 2.04
N CYS B 161 10.42 -6.95 1.69
CA CYS B 161 9.65 -6.19 0.71
C CYS B 161 8.17 -6.33 1.03
N GLN B 162 7.45 -5.23 0.89
CA GLN B 162 6.00 -5.22 1.06
C GLN B 162 5.34 -4.74 -0.21
N LEU B 163 4.32 -5.47 -0.66
CA LEU B 163 3.55 -5.11 -1.84
C LEU B 163 2.15 -4.69 -1.44
N TYR B 164 1.63 -3.67 -2.12
CA TYR B 164 0.22 -3.32 -2.02
C TYR B 164 -0.46 -3.72 -3.33
N GLN B 165 -1.42 -4.65 -3.24
CA GLN B 165 -2.17 -5.14 -4.38
C GLN B 165 -3.60 -4.63 -4.25
N ARG B 166 -3.94 -3.61 -5.05
CA ARG B 166 -5.27 -3.02 -4.97
C ARG B 166 -6.37 -4.03 -5.28
N SER B 167 -6.09 -5.01 -6.14
CA SER B 167 -7.08 -5.98 -6.57
C SER B 167 -6.40 -7.33 -6.71
N CYS B 168 -7.02 -8.38 -6.16
CA CYS B 168 -6.41 -9.69 -6.08
C CYS B 168 -7.43 -10.76 -6.46
N ASP B 169 -7.19 -11.45 -7.57
CA ASP B 169 -7.91 -12.67 -7.93
C ASP B 169 -7.28 -13.80 -7.13
N VAL B 170 -7.86 -14.08 -5.96
CA VAL B 170 -7.22 -14.97 -4.99
C VAL B 170 -6.88 -16.31 -5.61
N PHE B 171 -7.76 -16.84 -6.47
CA PHE B 171 -7.56 -18.19 -6.99
C PHE B 171 -6.53 -18.23 -8.11
N LEU B 172 -6.65 -17.32 -9.07
CA LEU B 172 -5.78 -17.34 -10.25
C LEU B 172 -4.54 -16.45 -10.08
N GLY B 173 -4.73 -15.22 -9.63
CA GLY B 173 -3.65 -14.25 -9.64
C GLY B 173 -2.69 -14.32 -8.45
N LEU B 174 -3.24 -14.46 -7.24
CA LEU B 174 -2.42 -14.35 -6.04
C LEU B 174 -1.25 -15.32 -6.03
N PRO B 175 -1.41 -16.60 -6.38
CA PRO B 175 -0.24 -17.50 -6.39
C PRO B 175 0.87 -17.01 -7.29
N PHE B 176 0.53 -16.38 -8.42
CA PHE B 176 1.55 -15.82 -9.30
C PHE B 176 2.19 -14.59 -8.68
N ASN B 177 1.38 -13.70 -8.09
CA ASN B 177 1.92 -12.48 -7.50
C ASN B 177 2.90 -12.79 -6.39
N ILE B 178 2.51 -13.68 -5.46
CA ILE B 178 3.39 -14.03 -4.34
C ILE B 178 4.71 -14.57 -4.87
N ALA B 179 4.66 -15.64 -5.67
CA ALA B 179 5.89 -16.22 -6.20
C ALA B 179 6.71 -15.19 -6.97
N SER B 180 6.03 -14.36 -7.77
CA SER B 180 6.74 -13.37 -8.58
C SER B 180 7.58 -12.44 -7.71
N TYR B 181 6.96 -11.85 -6.68
CA TYR B 181 7.67 -10.85 -5.88
C TYR B 181 8.69 -11.50 -4.95
N ALA B 182 8.40 -12.70 -4.45
CA ALA B 182 9.41 -13.43 -3.68
C ALA B 182 10.63 -13.70 -4.53
N LEU B 183 10.43 -13.98 -5.82
CA LEU B 183 11.56 -14.16 -6.72
C LEU B 183 12.35 -12.87 -6.87
N LEU B 184 11.68 -11.73 -6.90
CA LEU B 184 12.38 -10.45 -7.01
C LEU B 184 13.23 -10.19 -5.77
N VAL B 185 12.72 -10.57 -4.59
CA VAL B 185 13.48 -10.36 -3.36
C VAL B 185 14.76 -11.19 -3.40
N HIS B 186 14.66 -12.46 -3.79
CA HIS B 186 15.84 -13.31 -3.93
C HIS B 186 16.85 -12.67 -4.88
N MET B 187 16.36 -12.02 -5.94
CA MET B 187 17.26 -11.44 -6.93
C MET B 187 17.86 -10.12 -6.43
N MET B 188 17.02 -9.24 -5.88
CA MET B 188 17.54 -8.02 -5.28
C MET B 188 18.56 -8.35 -4.19
N ALA B 189 18.19 -9.25 -3.28
CA ALA B 189 19.08 -9.63 -2.19
C ALA B 189 20.42 -10.14 -2.72
N GLN B 190 20.39 -10.91 -3.82
CA GLN B 190 21.63 -11.45 -4.38
C GLN B 190 22.51 -10.34 -4.92
N GLN B 191 21.92 -9.36 -5.59
CA GLN B 191 22.70 -8.26 -6.16
C GLN B 191 23.18 -7.28 -5.09
N CYS B 192 22.53 -7.26 -3.93
CA CYS B 192 22.93 -6.38 -2.84
C CYS B 192 23.72 -7.12 -1.76
N ASP B 193 24.03 -8.39 -1.97
CA ASP B 193 24.80 -9.17 -1.00
C ASP B 193 24.10 -9.19 0.36
N LEU B 194 22.77 -9.24 0.33
CA LEU B 194 21.95 -9.34 1.51
C LEU B 194 21.24 -10.68 1.54
N GLU B 195 20.82 -11.08 2.74
CA GLU B 195 19.99 -12.26 2.90
C GLU B 195 18.52 -11.91 2.67
N VAL B 196 17.72 -12.93 2.41
CA VAL B 196 16.30 -12.73 2.17
C VAL B 196 15.57 -12.68 3.51
N GLY B 197 14.67 -11.70 3.65
CA GLY B 197 13.86 -11.57 4.85
C GLY B 197 12.42 -11.99 4.62
N ASP B 198 11.49 -11.06 4.83
CA ASP B 198 10.07 -11.33 4.66
C ASP B 198 9.55 -10.67 3.39
N PHE B 199 8.61 -11.35 2.72
CA PHE B 199 7.74 -10.71 1.75
C PHE B 199 6.38 -10.50 2.39
N VAL B 200 5.97 -9.25 2.52
CA VAL B 200 4.70 -8.88 3.13
C VAL B 200 3.73 -8.55 2.01
N TRP B 201 2.62 -9.28 1.95
CA TRP B 201 1.59 -9.04 0.95
C TRP B 201 0.41 -8.33 1.59
N THR B 202 0.08 -7.14 1.09
CA THR B 202 -1.09 -6.40 1.52
C THR B 202 -2.04 -6.26 0.34
N GLY B 203 -3.32 -6.45 0.60
CA GLY B 203 -4.33 -6.46 -0.45
C GLY B 203 -5.46 -5.48 -0.19
N GLY B 204 -5.92 -4.85 -1.26
CA GLY B 204 -7.11 -4.03 -1.20
C GLY B 204 -8.36 -4.88 -1.36
N ASP B 205 -9.00 -4.78 -2.53
CA ASP B 205 -10.18 -5.60 -2.82
C ASP B 205 -9.73 -7.03 -3.08
N THR B 206 -9.80 -7.87 -2.06
CA THR B 206 -9.41 -9.27 -2.15
C THR B 206 -10.67 -10.12 -2.27
N HIS B 207 -10.72 -10.95 -3.31
CA HIS B 207 -11.99 -11.56 -3.68
C HIS B 207 -11.78 -12.90 -4.38
N LEU B 208 -12.84 -13.71 -4.37
CA LEU B 208 -12.92 -14.95 -5.11
C LEU B 208 -14.04 -14.84 -6.12
N TYR B 209 -13.75 -15.18 -7.38
CA TYR B 209 -14.77 -15.10 -8.42
C TYR B 209 -15.84 -16.17 -8.23
N SER B 210 -17.07 -15.84 -8.63
CA SER B 210 -18.19 -16.72 -8.35
C SER B 210 -18.04 -18.06 -9.04
N ASN B 211 -17.41 -18.11 -10.22
CA ASN B 211 -17.21 -19.34 -10.94
C ASN B 211 -15.95 -20.09 -10.50
N HIS B 212 -15.37 -19.71 -9.37
CA HIS B 212 -14.21 -20.40 -8.81
C HIS B 212 -14.54 -21.11 -7.51
N MET B 213 -15.80 -21.08 -7.07
CA MET B 213 -16.13 -21.60 -5.75
C MET B 213 -15.90 -23.10 -5.66
N ASP B 214 -16.27 -23.85 -6.69
CA ASP B 214 -16.07 -25.28 -6.66
C ASP B 214 -14.59 -25.64 -6.61
N GLN B 215 -13.77 -24.94 -7.39
CA GLN B 215 -12.33 -25.15 -7.33
C GLN B 215 -11.79 -24.80 -5.95
N THR B 216 -12.30 -23.72 -5.35
CA THR B 216 -11.85 -23.30 -4.03
C THR B 216 -12.13 -24.38 -2.99
N HIS B 217 -13.35 -24.91 -2.97
CA HIS B 217 -13.69 -25.95 -2.01
C HIS B 217 -12.78 -27.15 -2.16
N LEU B 218 -12.44 -27.50 -3.40
CA LEU B 218 -11.51 -28.61 -3.63
C LEU B 218 -10.15 -28.29 -3.01
N GLN B 219 -9.61 -27.11 -3.30
CA GLN B 219 -8.27 -26.78 -2.82
C GLN B 219 -8.23 -26.71 -1.30
N LEU B 220 -9.26 -26.12 -0.68
CA LEU B 220 -9.27 -26.01 0.78
C LEU B 220 -9.23 -27.37 1.46
N SER B 221 -9.69 -28.42 0.78
CA SER B 221 -9.71 -29.75 1.36
C SER B 221 -8.33 -30.43 1.33
N ARG B 222 -7.29 -29.72 0.92
CA ARG B 222 -5.94 -30.26 0.84
C ARG B 222 -5.05 -29.57 1.86
N GLU B 223 -3.98 -30.28 2.25
CA GLU B 223 -3.03 -29.77 3.23
C GLU B 223 -1.79 -29.25 2.54
N PRO B 224 -1.30 -28.06 2.89
CA PRO B 224 -0.06 -27.57 2.27
C PRO B 224 1.10 -28.53 2.50
N ARG B 225 1.92 -28.69 1.48
CA ARG B 225 3.13 -29.49 1.57
C ARG B 225 4.32 -28.60 1.93
N PRO B 226 5.43 -29.19 2.35
CA PRO B 226 6.61 -28.38 2.66
C PRO B 226 7.05 -27.55 1.46
N LEU B 227 7.37 -26.29 1.72
CA LEU B 227 7.75 -25.39 0.64
C LEU B 227 9.05 -25.84 -0.02
N PRO B 228 9.20 -25.61 -1.32
CA PRO B 228 10.46 -25.95 -1.99
C PRO B 228 11.56 -24.93 -1.67
N LYS B 229 12.70 -25.13 -2.31
CA LYS B 229 13.85 -24.22 -2.17
C LYS B 229 14.22 -23.68 -3.53
N LEU B 230 14.38 -22.35 -3.62
CA LEU B 230 14.83 -21.73 -4.85
C LEU B 230 16.35 -21.78 -4.93
N ILE B 231 16.86 -22.09 -6.12
CA ILE B 231 18.29 -22.15 -6.38
C ILE B 231 18.59 -21.26 -7.57
N ILE B 232 19.63 -20.43 -7.44
CA ILE B 232 20.08 -19.55 -8.51
C ILE B 232 21.49 -19.96 -8.87
N LYS B 233 21.64 -20.63 -10.00
CA LYS B 233 22.91 -21.26 -10.38
C LYS B 233 24.05 -20.27 -10.59
N ARG B 234 23.76 -18.98 -10.69
CA ARG B 234 24.75 -18.00 -11.10
C ARG B 234 24.47 -16.68 -10.41
N LYS B 235 25.47 -15.78 -10.42
CA LYS B 235 25.33 -14.42 -9.92
C LYS B 235 25.53 -13.46 -11.10
N PRO B 236 24.45 -13.05 -11.76
CA PRO B 236 24.60 -12.15 -12.91
C PRO B 236 25.28 -10.84 -12.54
N GLU B 237 25.71 -10.12 -13.58
CA GLU B 237 26.42 -8.86 -13.37
C GLU B 237 25.52 -7.80 -12.74
N SER B 238 24.21 -7.86 -13.00
CA SER B 238 23.27 -6.88 -12.48
C SER B 238 21.90 -7.51 -12.36
N ILE B 239 20.94 -6.71 -11.89
CA ILE B 239 19.57 -7.18 -11.70
C ILE B 239 18.88 -7.46 -13.04
N PHE B 240 19.37 -6.85 -14.12
CA PHE B 240 18.74 -7.00 -15.43
C PHE B 240 19.39 -8.09 -16.28
N ASP B 241 20.44 -8.75 -15.79
CA ASP B 241 21.17 -9.76 -16.54
C ASP B 241 20.78 -11.17 -16.16
N TYR B 242 19.53 -11.39 -15.76
CA TYR B 242 19.09 -12.71 -15.34
C TYR B 242 18.51 -13.47 -16.51
N ARG B 243 18.72 -14.79 -16.47
CA ARG B 243 18.26 -15.70 -17.51
C ARG B 243 17.37 -16.77 -16.91
N PHE B 244 16.45 -17.29 -17.74
CA PHE B 244 15.57 -18.35 -17.27
C PHE B 244 16.33 -19.60 -16.85
N GLU B 245 17.53 -19.80 -17.41
CA GLU B 245 18.35 -20.96 -17.07
C GLU B 245 19.03 -20.83 -15.73
N ASP B 246 19.03 -19.63 -15.12
CA ASP B 246 19.68 -19.43 -13.84
C ASP B 246 18.87 -19.96 -12.66
N PHE B 247 17.55 -20.05 -12.81
CA PHE B 247 16.68 -20.48 -11.73
C PHE B 247 16.35 -21.95 -11.84
N GLU B 248 16.21 -22.60 -10.68
CA GLU B 248 15.79 -24.00 -10.62
C GLU B 248 15.14 -24.24 -9.28
N ILE B 249 13.91 -24.77 -9.31
CA ILE B 249 13.14 -25.03 -8.10
C ILE B 249 13.35 -26.48 -7.69
N GLU B 250 13.59 -26.70 -6.40
CA GLU B 250 13.93 -28.01 -5.87
C GLU B 250 12.96 -28.39 -4.76
N GLY B 251 12.37 -29.58 -4.88
CA GLY B 251 11.48 -30.07 -3.84
C GLY B 251 10.05 -29.60 -3.95
N TYR B 252 9.58 -29.30 -5.17
CA TYR B 252 8.22 -28.81 -5.38
C TYR B 252 7.35 -29.99 -5.80
N ASP B 253 6.66 -30.58 -4.83
CA ASP B 253 5.78 -31.73 -5.03
C ASP B 253 4.36 -31.31 -4.67
N PRO B 254 3.64 -30.67 -5.59
CA PRO B 254 2.30 -30.17 -5.27
C PRO B 254 1.22 -31.20 -5.53
N HIS B 255 0.03 -30.89 -5.02
CA HIS B 255 -1.19 -31.61 -5.38
C HIS B 255 -1.46 -31.35 -6.86
N PRO B 256 -2.36 -32.10 -7.49
CA PRO B 256 -2.63 -31.88 -8.92
C PRO B 256 -3.27 -30.52 -9.16
N GLY B 257 -2.97 -29.97 -10.34
CA GLY B 257 -3.51 -28.68 -10.71
C GLY B 257 -5.03 -28.69 -10.77
N ILE B 258 -5.61 -27.50 -10.63
CA ILE B 258 -7.05 -27.30 -10.69
C ILE B 258 -7.30 -26.21 -11.72
N LYS B 259 -7.86 -26.60 -12.86
CA LYS B 259 -8.14 -25.66 -13.93
C LYS B 259 -9.41 -24.85 -13.61
N ALA B 260 -9.41 -23.59 -14.03
CA ALA B 260 -10.53 -22.70 -13.79
C ALA B 260 -10.54 -21.60 -14.82
N PRO B 261 -11.70 -21.06 -15.19
CA PRO B 261 -11.76 -20.04 -16.23
C PRO B 261 -11.31 -18.68 -15.73
N VAL B 262 -10.76 -17.89 -16.67
CA VAL B 262 -10.24 -16.56 -16.38
C VAL B 262 -11.29 -15.52 -16.74
N ALA B 263 -11.42 -14.50 -15.89
CA ALA B 263 -12.40 -13.44 -16.11
C ALA B 263 -11.72 -12.16 -16.57
N1 CB3 C . 9.26 13.61 11.89
C2 CB3 C . 9.32 12.69 12.92
NA2 CB3 C . 10.49 12.20 13.32
N3 CB3 C . 8.16 12.28 13.55
C4 CB3 C . 6.93 12.77 13.14
O4 CB3 C . 5.90 12.14 13.42
C4A CB3 C . 6.87 13.69 12.10
C5 CB3 C . 5.63 14.18 11.70
C6 CB3 C . 5.57 15.11 10.66
C7 CB3 C . 6.75 15.52 10.04
C8 CB3 C . 7.98 15.02 10.44
C8A CB3 C . 8.04 14.10 11.48
C9 CB3 C . 4.27 15.69 10.17
N10 CB3 C . 3.14 15.73 11.10
C11 CB3 C . 3.19 17.35 15.00
C12 CB3 C . 2.03 16.81 14.46
C13 CB3 C . 2.04 16.28 13.18
C14 CB3 C . 3.20 16.29 12.41
C15 CB3 C . 4.36 16.85 12.94
C16 CB3 C . 4.35 17.38 14.24
C CB3 C . 3.16 17.94 16.39
O CB3 C . 3.40 19.22 16.51
N CB3 C . 2.92 17.17 17.45
CA CB3 C . 2.88 17.75 18.79
CB CB3 C . 1.94 18.96 18.80
CG CB3 C . 0.98 18.96 19.98
CD CB3 C . -0.19 19.87 19.69
OE1 CB3 C . -1.27 19.42 19.26
OE2 CB3 C . -0.10 21.12 19.89
CT CB3 C . 2.46 16.76 19.83
O1 CB3 C . 1.52 15.97 19.62
O2 CB3 C . 3.04 16.75 20.94
CP1 CB3 C . 1.87 15.19 10.65
CP2 CB3 C . 1.73 13.74 11.02
CP3 CB3 C . 1.61 12.58 11.32
N1 UMP D . 5.98 10.79 9.85
C2 UMP D . 4.81 10.16 10.25
N3 UMP D . 3.62 10.45 9.62
C4 UMP D . 3.58 11.38 8.60
C5 UMP D . 4.76 12.01 8.21
C6 UMP D . 5.95 11.71 8.85
O2 UMP D . 4.85 9.34 11.17
O4 UMP D . 2.52 11.64 8.04
C1' UMP D . 7.24 10.47 10.54
C2' UMP D . 7.74 9.07 10.20
C3' UMP D . 9.24 9.24 10.21
C4' UMP D . 9.47 10.71 9.90
O3' UMP D . 9.77 8.91 11.47
O4' UMP D . 8.26 11.39 10.18
C5' UMP D . 9.87 10.91 8.44
O5' UMP D . 11.13 10.34 8.22
P UMP D . 11.43 9.48 6.89
OP1 UMP D . 11.00 10.27 5.67
OP2 UMP D . 10.65 8.18 6.94
OP3 UMP D . 12.91 9.20 6.82
HN3 UMP D . 2.74 10.00 9.94
H5 UMP D . 4.76 12.67 7.33
H6 UMP D . 6.87 12.21 8.54
H1' UMP D . 7.09 10.52 11.62
H3' UMP D . 9.68 8.63 9.42
H4' UMP D . 10.28 11.09 10.54
HO3' UMP D . 10.18 9.70 11.88
H5' UMP D . 9.13 10.44 7.80
N1 CB3 E . -7.84 -11.27 -14.58
C2 CB3 E . -8.49 -11.99 -13.61
NA2 CB3 E . -9.80 -11.86 -13.45
N3 CB3 E . -7.78 -12.85 -12.80
C4 CB3 E . -6.42 -13.00 -12.94
O4 CB3 E . -5.77 -13.39 -11.98
C4A CB3 E . -5.77 -12.27 -13.93
C5 CB3 E . -4.39 -12.40 -14.09
C6 CB3 E . -3.73 -11.69 -15.08
C7 CB3 E . -4.44 -10.82 -15.90
C8 CB3 E . -5.81 -10.68 -15.72
C8A CB3 E . -6.48 -11.41 -14.74
C9 CB3 E . -2.22 -11.83 -15.29
N10 CB3 E . -1.66 -13.05 -14.73
C11 CB3 E . -3.00 -16.99 -15.49
C12 CB3 E . -1.91 -16.75 -14.66
C13 CB3 E . -1.50 -15.44 -14.42
C14 CB3 E . -2.14 -14.36 -15.03
C15 CB3 E . -3.22 -14.62 -15.87
C16 CB3 E . -3.65 -15.93 -16.10
C CB3 E . -3.43 -18.41 -15.75
O CB3 E . -4.08 -18.68 -16.84
N CB3 E . -3.13 -19.33 -14.84
CA CB3 E . -3.49 -20.74 -15.00
CB CB3 E . -2.44 -21.42 -15.87
CG CB3 E . -2.55 -21.05 -17.35
CD CB3 E . -1.18 -21.18 -17.99
OE1 CB3 E . -0.83 -22.26 -18.54
OE2 CB3 E . -0.38 -20.22 -18.00
CT CB3 E . -3.55 -21.48 -13.71
O1 CB3 E . -4.15 -21.01 -12.72
O2 CB3 E . -2.99 -22.59 -13.59
CP1 CB3 E . -0.52 -12.92 -13.85
CP2 CB3 E . -0.98 -12.70 -12.42
CP3 CB3 E . -1.35 -12.51 -11.30
P UMC F . -9.69 -4.97 -12.08
N1 UMC F . -5.13 -9.39 -11.31
C2 UMC F . -4.40 -9.97 -10.37
O2 UMC F . -4.94 -10.57 -9.45
N3 UMC F . -3.08 -9.90 -10.44
C4 UMC F . -2.45 -9.29 -11.45
O4 UMC F . -1.23 -9.23 -11.49
C5 UMC F . -3.24 -8.65 -12.58
C6 UMC F . -4.70 -8.36 -12.23
C1' UMC F . -6.53 -9.74 -11.50
O1P UMC F . -11.00 -4.53 -12.68
C2' UMC F . -7.30 -9.12 -10.34
O2P UMC F . -8.47 -4.34 -12.70
C3' UMC F . -8.60 -8.67 -10.97
O3' UMC F . -9.62 -9.65 -10.72
O3P UMC F . -9.70 -5.01 -10.57
C4' UMC F . -8.34 -8.57 -12.47
O4' UMC F . -7.08 -9.20 -12.72
C5' UMC F . -8.37 -7.12 -12.94
O5' UMC F . -9.58 -6.54 -12.46
#